data_5M2L
#
_entry.id   5M2L
#
_entity_poly.entity_id   1
_entity_poly.type   'polydeoxyribonucleotide'
_entity_poly.pdbx_seq_one_letter_code
;(DG)(DC)(DG)(DA)(DG)(DG)(DG)(DA)(DG)(DC)(DG)(DA)(DG)(DG)(DG)
;
_entity_poly.pdbx_strand_id   A,B,C,D
#
loop_
_chem_comp.id
_chem_comp.type
_chem_comp.name
_chem_comp.formula
DA DNA linking 2'-DEOXYADENOSINE-5'-MONOPHOSPHATE 'C10 H14 N5 O6 P'
DC DNA linking 2'-DEOXYCYTIDINE-5'-MONOPHOSPHATE 'C9 H14 N3 O7 P'
DG DNA linking 2'-DEOXYGUANOSINE-5'-MONOPHOSPHATE 'C10 H14 N5 O7 P'
#